data_1NLK
#
_entry.id   1NLK
#
_cell.length_a   63.500
_cell.length_b   63.500
_cell.length_c   159.500
_cell.angle_alpha   90.00
_cell.angle_beta   90.00
_cell.angle_gamma   90.00
#
_symmetry.space_group_name_H-M   'P 43 21 2'
#
loop_
_entity.id
_entity.type
_entity.pdbx_description
1 polymer 'NUCLEOSIDE DIPHOSPHATE KINASE'
2 non-polymer 'MAGNESIUM ION'
3 non-polymer "ADENOSINE-5'-DIPHOSPHATE"
#
_entity_poly.entity_id   1
_entity_poly.type   'polypeptide(L)'
_entity_poly.pdbx_seq_one_letter_code
;AIERTLSIIKPDGLEKGVIGKIISRFEEKGLKPVAIRLQHLSQAQAEGFYAVHKARPFFKDLVQFMISGPVVLMVLEGEN
AVLANRDIMGATNPAQAAEGTIRKDFATSIDKNTVHGSDSLENAKIEIAYFFRETEIHSYPYQK
;
_entity_poly.pdbx_strand_id   R,L
#
# COMPACT_ATOMS: atom_id res chain seq x y z
N ALA A 1 18.42 16.53 5.80
CA ALA A 1 18.42 15.26 6.53
C ALA A 1 17.35 14.32 6.00
N ILE A 2 16.31 14.89 5.38
CA ILE A 2 15.22 14.09 4.83
C ILE A 2 15.61 13.47 3.49
N GLU A 3 15.58 12.15 3.46
CA GLU A 3 15.92 11.39 2.27
C GLU A 3 14.75 10.50 1.89
N ARG A 4 14.86 9.88 0.73
CA ARG A 4 13.86 8.95 0.22
C ARG A 4 14.62 7.67 -0.08
N THR A 5 14.01 6.54 0.23
CA THR A 5 14.65 5.26 -0.02
C THR A 5 13.63 4.27 -0.55
N LEU A 6 14.10 3.23 -1.23
CA LEU A 6 13.19 2.24 -1.76
C LEU A 6 12.99 1.07 -0.80
N SER A 7 11.73 0.64 -0.70
CA SER A 7 11.36 -0.48 0.13
C SER A 7 10.49 -1.39 -0.74
N ILE A 8 10.70 -2.70 -0.67
CA ILE A 8 9.90 -3.65 -1.43
C ILE A 8 9.47 -4.77 -0.51
N ILE A 9 8.17 -5.03 -0.45
CA ILE A 9 7.66 -6.13 0.34
C ILE A 9 7.69 -7.30 -0.65
N LYS A 10 8.54 -8.28 -0.38
CA LYS A 10 8.71 -9.46 -1.22
C LYS A 10 7.47 -10.36 -1.20
N PRO A 11 7.35 -11.26 -2.19
CA PRO A 11 6.21 -12.18 -2.30
C PRO A 11 5.74 -12.85 -1.00
N ASP A 12 6.68 -13.30 -0.17
CA ASP A 12 6.31 -13.95 1.09
C ASP A 12 5.55 -13.02 2.05
N GLY A 13 5.79 -11.71 1.92
CA GLY A 13 5.11 -10.75 2.76
C GLY A 13 3.62 -10.67 2.47
N LEU A 14 3.29 -10.74 1.18
CA LEU A 14 1.89 -10.70 0.75
C LEU A 14 1.20 -12.04 1.08
N GLU A 15 1.90 -13.15 0.84
CA GLU A 15 1.37 -14.46 1.13
C GLU A 15 1.10 -14.69 2.62
N LYS A 16 1.85 -14.01 3.48
CA LYS A 16 1.65 -14.11 4.91
C LYS A 16 0.60 -13.12 5.37
N GLY A 17 0.08 -12.33 4.43
CA GLY A 17 -0.93 -11.33 4.73
C GLY A 17 -0.50 -10.26 5.72
N VAL A 18 0.76 -9.88 5.70
CA VAL A 18 1.25 -8.87 6.64
C VAL A 18 1.66 -7.53 6.00
N ILE A 19 1.04 -7.19 4.88
CA ILE A 19 1.33 -5.92 4.19
C ILE A 19 1.13 -4.75 5.14
N GLY A 20 -0.03 -4.73 5.81
CA GLY A 20 -0.36 -3.67 6.75
C GLY A 20 0.59 -3.56 7.93
N LYS A 21 0.90 -4.70 8.57
CA LYS A 21 1.81 -4.72 9.71
C LYS A 21 3.18 -4.16 9.34
N ILE A 22 3.68 -4.53 8.17
CA ILE A 22 4.98 -4.05 7.70
C ILE A 22 4.94 -2.55 7.47
N ILE A 23 3.91 -2.07 6.79
CA ILE A 23 3.77 -0.65 6.52
C ILE A 23 3.72 0.12 7.84
N SER A 24 2.96 -0.38 8.81
CA SER A 24 2.86 0.26 10.13
C SER A 24 4.23 0.41 10.80
N ARG A 25 5.09 -0.59 10.66
CA ARG A 25 6.44 -0.57 11.23
C ARG A 25 7.17 0.71 10.79
N PHE A 26 7.07 1.02 9.51
CA PHE A 26 7.71 2.21 8.95
C PHE A 26 7.05 3.48 9.49
N GLU A 27 5.72 3.54 9.38
CA GLU A 27 4.94 4.69 9.84
C GLU A 27 5.21 5.05 11.31
N GLU A 28 5.20 4.04 12.18
CA GLU A 28 5.44 4.25 13.60
C GLU A 28 6.85 4.76 13.85
N LYS A 29 7.75 4.48 12.91
CA LYS A 29 9.14 4.92 13.04
C LYS A 29 9.39 6.26 12.35
N GLY A 30 8.35 6.84 11.75
CA GLY A 30 8.52 8.12 11.08
C GLY A 30 8.91 8.00 9.62
N LEU A 31 8.90 6.79 9.08
CA LEU A 31 9.23 6.58 7.67
C LEU A 31 7.91 6.67 6.91
N LYS A 32 7.74 7.78 6.20
CA LYS A 32 6.53 8.07 5.45
C LYS A 32 6.45 7.47 4.06
N PRO A 33 5.45 6.60 3.82
CA PRO A 33 5.34 6.02 2.47
C PRO A 33 4.79 7.10 1.54
N VAL A 34 5.64 7.58 0.63
CA VAL A 34 5.23 8.61 -0.31
C VAL A 34 4.94 8.09 -1.72
N ALA A 35 5.05 6.78 -1.90
CA ALA A 35 4.80 6.14 -3.17
C ALA A 35 4.56 4.68 -2.81
N ILE A 36 3.54 4.08 -3.40
CA ILE A 36 3.19 2.67 -3.15
C ILE A 36 2.56 2.09 -4.42
N ARG A 37 2.99 0.89 -4.80
CA ARG A 37 2.42 0.23 -5.96
C ARG A 37 2.64 -1.28 -5.95
N LEU A 38 1.53 -2.02 -5.91
CA LEU A 38 1.61 -3.48 -5.91
C LEU A 38 1.85 -3.84 -7.38
N GLN A 39 2.86 -4.66 -7.63
CA GLN A 39 3.19 -5.05 -9.00
C GLN A 39 3.78 -6.44 -9.06
N HIS A 40 3.56 -7.13 -10.17
CA HIS A 40 4.14 -8.45 -10.33
C HIS A 40 5.29 -8.25 -11.30
N LEU A 41 6.50 -8.38 -10.77
CA LEU A 41 7.72 -8.21 -11.55
C LEU A 41 7.92 -9.26 -12.63
N SER A 42 8.48 -8.82 -13.76
CA SER A 42 8.78 -9.73 -14.84
C SER A 42 10.23 -10.16 -14.56
N GLN A 43 10.67 -11.25 -15.18
CA GLN A 43 12.03 -11.74 -15.01
C GLN A 43 13.04 -10.67 -15.40
N ALA A 44 12.76 -9.96 -16.49
CA ALA A 44 13.63 -8.90 -16.98
C ALA A 44 13.81 -7.81 -15.91
N GLN A 45 12.69 -7.45 -15.28
CA GLN A 45 12.70 -6.42 -14.24
C GLN A 45 13.51 -6.84 -13.03
N ALA A 46 13.28 -8.05 -12.52
CA ALA A 46 14.01 -8.54 -11.35
C ALA A 46 15.51 -8.66 -11.62
N GLU A 47 15.87 -9.20 -12.78
CA GLU A 47 17.27 -9.37 -13.16
C GLU A 47 17.96 -8.01 -13.25
N GLY A 48 17.31 -7.06 -13.91
CA GLY A 48 17.89 -5.74 -14.04
C GLY A 48 18.03 -5.03 -12.71
N PHE A 49 17.04 -5.21 -11.84
CA PHE A 49 17.06 -4.59 -10.52
C PHE A 49 18.15 -5.19 -9.65
N TYR A 50 18.31 -6.51 -9.71
CA TYR A 50 19.31 -7.20 -8.91
C TYR A 50 20.59 -7.55 -9.69
N ALA A 51 20.83 -6.84 -10.80
CA ALA A 51 21.99 -7.05 -11.66
C ALA A 51 23.31 -7.14 -10.90
N VAL A 52 23.43 -6.35 -9.84
CA VAL A 52 24.64 -6.32 -9.02
C VAL A 52 25.02 -7.71 -8.47
N HIS A 53 24.09 -8.66 -8.53
CA HIS A 53 24.34 -10.00 -8.02
C HIS A 53 24.41 -11.05 -9.12
N LYS A 54 24.55 -10.63 -10.36
CA LYS A 54 24.59 -11.59 -11.46
C LYS A 54 25.73 -12.60 -11.34
N ALA A 55 26.89 -12.15 -10.85
CA ALA A 55 28.03 -13.04 -10.67
C ALA A 55 27.87 -13.97 -9.47
N ARG A 56 26.94 -13.61 -8.57
CA ARG A 56 26.66 -14.37 -7.37
C ARG A 56 25.90 -15.65 -7.69
N PRO A 57 26.16 -16.72 -6.91
CA PRO A 57 25.56 -18.06 -7.03
C PRO A 57 24.06 -18.34 -6.64
N PHE A 58 23.36 -17.42 -5.99
CA PHE A 58 21.94 -17.62 -5.62
C PHE A 58 21.05 -16.72 -6.49
N PHE A 59 21.70 -15.88 -7.31
CA PHE A 59 21.01 -14.94 -8.19
C PHE A 59 19.80 -15.51 -8.94
N LYS A 60 19.95 -16.68 -9.55
CA LYS A 60 18.86 -17.31 -10.28
C LYS A 60 17.64 -17.60 -9.42
N ASP A 61 17.87 -18.04 -8.19
CA ASP A 61 16.76 -18.32 -7.27
C ASP A 61 16.16 -17.02 -6.78
N LEU A 62 17.02 -16.03 -6.53
CA LEU A 62 16.59 -14.72 -6.07
C LEU A 62 15.59 -14.16 -7.09
N VAL A 63 15.94 -14.30 -8.37
CA VAL A 63 15.10 -13.83 -9.47
C VAL A 63 13.78 -14.60 -9.52
N GLN A 64 13.83 -15.92 -9.40
CA GLN A 64 12.61 -16.73 -9.44
C GLN A 64 11.68 -16.39 -8.30
N PHE A 65 12.23 -16.24 -7.09
CA PHE A 65 11.42 -15.90 -5.93
C PHE A 65 10.81 -14.54 -6.12
N MET A 66 11.62 -13.59 -6.59
CA MET A 66 11.14 -12.23 -6.81
C MET A 66 10.04 -12.14 -7.86
N ILE A 67 9.91 -13.15 -8.71
CA ILE A 67 8.87 -13.15 -9.73
C ILE A 67 7.83 -14.25 -9.48
N SER A 68 7.93 -14.94 -8.35
CA SER A 68 6.98 -16.00 -8.03
C SER A 68 5.59 -15.45 -7.72
N GLY A 69 5.54 -14.20 -7.26
CA GLY A 69 4.27 -13.58 -6.94
C GLY A 69 4.42 -12.08 -6.96
N PRO A 70 3.33 -11.33 -6.73
CA PRO A 70 3.41 -9.87 -6.74
C PRO A 70 4.13 -9.33 -5.50
N VAL A 71 4.68 -8.14 -5.64
CA VAL A 71 5.39 -7.48 -4.54
C VAL A 71 4.73 -6.12 -4.35
N VAL A 72 5.07 -5.43 -3.27
CA VAL A 72 4.56 -4.09 -3.01
C VAL A 72 5.77 -3.15 -3.02
N LEU A 73 5.84 -2.28 -4.03
CA LEU A 73 6.94 -1.32 -4.17
C LEU A 73 6.56 -0.05 -3.41
N MET A 74 7.51 0.51 -2.66
CA MET A 74 7.25 1.72 -1.88
C MET A 74 8.46 2.63 -1.81
N VAL A 75 8.21 3.92 -1.65
CA VAL A 75 9.29 4.89 -1.46
C VAL A 75 9.01 5.46 -0.07
N LEU A 76 9.98 5.34 0.83
CA LEU A 76 9.85 5.85 2.19
C LEU A 76 10.60 7.16 2.29
N GLU A 77 10.05 8.11 3.02
CA GLU A 77 10.65 9.42 3.18
C GLU A 77 10.78 9.80 4.65
N GLY A 78 11.93 10.36 5.01
CA GLY A 78 12.16 10.78 6.38
C GLY A 78 13.62 11.11 6.61
N GLU A 79 13.93 11.57 7.81
CA GLU A 79 15.30 11.93 8.15
C GLU A 79 16.11 10.65 8.25
N ASN A 80 17.23 10.60 7.53
CA ASN A 80 18.13 9.44 7.52
C ASN A 80 17.32 8.18 7.18
N ALA A 81 16.41 8.31 6.22
CA ALA A 81 15.54 7.22 5.77
C ALA A 81 16.25 5.94 5.31
N VAL A 82 17.32 6.11 4.54
CA VAL A 82 18.07 4.96 4.03
C VAL A 82 18.55 4.06 5.18
N LEU A 83 19.19 4.68 6.17
CA LEU A 83 19.69 3.93 7.33
C LEU A 83 18.57 3.41 8.23
N ALA A 84 17.61 4.28 8.53
CA ALA A 84 16.49 3.92 9.39
C ALA A 84 15.79 2.70 8.84
N ASN A 85 15.66 2.65 7.52
CA ASN A 85 15.02 1.54 6.83
C ASN A 85 15.79 0.23 7.07
N ARG A 86 17.10 0.28 6.86
CA ARG A 86 17.95 -0.91 7.07
C ARG A 86 17.80 -1.41 8.51
N ASP A 87 17.73 -0.47 9.47
CA ASP A 87 17.59 -0.84 10.88
C ASP A 87 16.30 -1.60 11.17
N ILE A 88 15.17 -1.07 10.72
CA ILE A 88 13.89 -1.73 10.95
C ILE A 88 13.79 -3.05 10.19
N MET A 89 14.43 -3.14 9.04
CA MET A 89 14.43 -4.36 8.25
C MET A 89 15.09 -5.50 9.00
N GLY A 90 16.31 -5.24 9.47
CA GLY A 90 17.06 -6.24 10.19
C GLY A 90 18.04 -6.97 9.27
N ALA A 91 18.80 -7.88 9.86
CA ALA A 91 19.80 -8.64 9.10
C ALA A 91 19.18 -9.52 8.03
N THR A 92 19.93 -9.70 6.95
CA THR A 92 19.52 -10.52 5.81
C THR A 92 19.08 -11.91 6.26
N ASN A 93 19.88 -12.50 7.14
CA ASN A 93 19.57 -13.81 7.68
C ASN A 93 18.67 -13.58 8.88
N PRO A 94 17.41 -14.03 8.79
CA PRO A 94 16.43 -13.87 9.87
C PRO A 94 16.97 -14.35 11.20
N ALA A 95 17.77 -15.42 11.16
CA ALA A 95 18.35 -16.00 12.36
C ALA A 95 19.25 -15.02 13.10
N GLN A 96 19.86 -14.11 12.37
CA GLN A 96 20.76 -13.10 12.94
C GLN A 96 20.09 -11.73 13.11
N ALA A 97 18.83 -11.62 12.71
CA ALA A 97 18.11 -10.35 12.81
C ALA A 97 17.82 -9.98 14.26
N ALA A 98 17.92 -8.70 14.57
CA ALA A 98 17.67 -8.20 15.93
C ALA A 98 16.20 -8.29 16.32
N GLU A 99 15.92 -8.16 17.62
CA GLU A 99 14.56 -8.23 18.11
C GLU A 99 13.76 -7.07 17.56
N GLY A 100 12.48 -7.33 17.29
CA GLY A 100 11.61 -6.28 16.79
C GLY A 100 11.78 -5.84 15.34
N THR A 101 12.70 -6.45 14.61
CA THR A 101 12.89 -6.08 13.21
C THR A 101 11.88 -6.87 12.38
N ILE A 102 11.57 -6.36 11.19
CA ILE A 102 10.63 -7.02 10.29
C ILE A 102 11.08 -8.45 9.96
N ARG A 103 12.36 -8.63 9.64
CA ARG A 103 12.86 -9.96 9.32
C ARG A 103 12.82 -10.98 10.45
N LYS A 104 13.11 -10.54 11.68
CA LYS A 104 13.07 -11.44 12.82
C LYS A 104 11.62 -11.84 13.10
N ASP A 105 10.70 -10.90 12.89
CA ASP A 105 9.29 -11.15 13.16
C ASP A 105 8.49 -11.81 12.03
N PHE A 106 8.91 -11.62 10.78
CA PHE A 106 8.17 -12.18 9.66
C PHE A 106 8.93 -13.09 8.69
N ALA A 107 10.23 -12.85 8.51
CA ALA A 107 11.04 -13.62 7.56
C ALA A 107 11.17 -15.11 7.87
N THR A 108 11.12 -15.91 6.81
CA THR A 108 11.20 -17.36 6.92
C THR A 108 12.65 -17.86 6.88
N SER A 109 13.36 -17.45 5.85
CA SER A 109 14.74 -17.88 5.66
C SER A 109 15.53 -16.76 5.01
N ILE A 110 16.78 -17.03 4.67
CA ILE A 110 17.62 -16.02 4.04
C ILE A 110 17.12 -15.70 2.62
N ASP A 111 16.54 -16.69 1.94
CA ASP A 111 16.03 -16.49 0.58
C ASP A 111 14.70 -15.75 0.60
N LYS A 112 13.84 -16.14 1.53
CA LYS A 112 12.53 -15.52 1.67
C LYS A 112 12.58 -14.65 2.92
N ASN A 113 13.18 -13.47 2.78
CA ASN A 113 13.32 -12.57 3.91
C ASN A 113 12.40 -11.35 3.94
N THR A 114 11.22 -11.49 3.34
CA THR A 114 10.17 -10.48 3.36
C THR A 114 10.32 -9.05 2.82
N VAL A 115 11.48 -8.43 2.99
CA VAL A 115 11.65 -7.05 2.52
C VAL A 115 13.00 -6.75 1.90
N HIS A 116 13.02 -5.68 1.11
CA HIS A 116 14.21 -5.18 0.46
C HIS A 116 14.28 -3.69 0.80
N GLY A 117 15.49 -3.15 0.91
CA GLY A 117 15.66 -1.74 1.20
C GLY A 117 16.93 -1.28 0.53
N SER A 118 16.95 -0.05 0.02
CA SER A 118 18.16 0.46 -0.64
C SER A 118 19.29 0.47 0.38
N ASP A 119 20.45 -0.03 -0.01
CA ASP A 119 21.60 -0.10 0.89
C ASP A 119 22.35 1.23 1.07
N SER A 120 22.06 2.20 0.20
CA SER A 120 22.73 3.49 0.27
C SER A 120 21.93 4.56 -0.46
N LEU A 121 22.24 5.82 -0.17
CA LEU A 121 21.57 6.96 -0.80
C LEU A 121 21.80 6.90 -2.32
N GLU A 122 23.01 6.53 -2.70
CA GLU A 122 23.41 6.39 -4.09
C GLU A 122 22.50 5.40 -4.82
N ASN A 123 22.36 4.21 -4.24
CA ASN A 123 21.52 3.19 -4.84
C ASN A 123 20.03 3.49 -4.71
N ALA A 124 19.66 4.26 -3.68
CA ALA A 124 18.26 4.63 -3.45
C ALA A 124 17.74 5.38 -4.65
N LYS A 125 18.50 6.39 -5.08
CA LYS A 125 18.15 7.22 -6.22
C LYS A 125 17.91 6.38 -7.48
N ILE A 126 18.79 5.41 -7.69
CA ILE A 126 18.70 4.52 -8.83
C ILE A 126 17.47 3.63 -8.73
N GLU A 127 17.33 2.95 -7.60
CA GLU A 127 16.19 2.05 -7.39
C GLU A 127 14.83 2.73 -7.48
N ILE A 128 14.73 3.93 -6.92
CA ILE A 128 13.48 4.68 -6.96
C ILE A 128 13.16 5.08 -8.41
N ALA A 129 14.17 5.53 -9.14
CA ALA A 129 13.99 5.93 -10.54
C ALA A 129 13.66 4.73 -11.43
N TYR A 130 14.06 3.54 -10.98
CA TYR A 130 13.80 2.31 -11.73
C TYR A 130 12.32 1.99 -11.72
N PHE A 131 11.68 2.17 -10.56
CA PHE A 131 10.27 1.84 -10.40
C PHE A 131 9.27 2.98 -10.32
N PHE A 132 9.72 4.21 -10.14
CA PHE A 132 8.79 5.31 -10.03
C PHE A 132 9.17 6.56 -10.81
N ARG A 133 8.15 7.25 -11.33
CA ARG A 133 8.33 8.51 -12.04
C ARG A 133 8.31 9.50 -10.87
N GLU A 134 8.95 10.66 -11.02
CA GLU A 134 8.90 11.62 -9.93
C GLU A 134 7.45 12.00 -9.64
N THR A 135 6.64 12.00 -10.70
CA THR A 135 5.22 12.34 -10.58
C THR A 135 4.37 11.29 -9.86
N GLU A 136 4.97 10.16 -9.52
CA GLU A 136 4.27 9.10 -8.81
C GLU A 136 4.58 9.15 -7.32
N ILE A 137 5.48 10.05 -6.93
CA ILE A 137 5.88 10.18 -5.53
C ILE A 137 5.24 11.44 -4.96
N HIS A 138 4.52 11.29 -3.86
CA HIS A 138 3.84 12.42 -3.25
C HIS A 138 3.98 12.50 -1.73
N SER A 139 4.63 13.56 -1.26
CA SER A 139 4.78 13.76 0.17
C SER A 139 3.51 14.45 0.68
N TYR A 140 3.29 14.37 1.99
CA TYR A 140 2.11 14.98 2.60
C TYR A 140 2.43 15.24 4.06
N PRO A 141 1.66 16.13 4.72
CA PRO A 141 2.01 16.35 6.13
C PRO A 141 1.42 15.31 7.07
N TYR A 142 2.06 15.16 8.23
CA TYR A 142 1.57 14.25 9.27
C TYR A 142 0.89 15.19 10.25
N GLN A 143 -0.43 15.05 10.41
CA GLN A 143 -1.18 15.92 11.30
C GLN A 143 -2.48 15.25 11.73
N ALA B 1 -19.80 -15.11 -4.86
CA ALA B 1 -19.32 -15.13 -3.49
C ALA B 1 -18.05 -14.30 -3.37
N ILE B 2 -16.95 -14.77 -3.94
CA ILE B 2 -15.69 -14.01 -3.90
C ILE B 2 -15.86 -12.86 -4.89
N GLU B 3 -15.69 -11.63 -4.40
CA GLU B 3 -15.85 -10.44 -5.23
C GLU B 3 -14.62 -9.54 -5.12
N ARG B 4 -14.60 -8.50 -5.93
CA ARG B 4 -13.53 -7.52 -5.91
C ARG B 4 -14.21 -6.18 -5.76
N THR B 5 -13.64 -5.31 -4.92
CA THR B 5 -14.22 -4.00 -4.69
C THR B 5 -13.13 -2.94 -4.55
N LEU B 6 -13.50 -1.69 -4.79
CA LEU B 6 -12.53 -0.61 -4.69
C LEU B 6 -12.55 0.06 -3.32
N SER B 7 -11.35 0.25 -2.78
CA SER B 7 -11.16 0.91 -1.51
C SER B 7 -10.19 2.05 -1.76
N ILE B 8 -10.45 3.18 -1.12
CA ILE B 8 -9.59 4.33 -1.23
C ILE B 8 -9.37 4.87 0.17
N ILE B 9 -8.12 5.02 0.56
CA ILE B 9 -7.81 5.62 1.85
C ILE B 9 -7.71 7.09 1.49
N LYS B 10 -8.71 7.84 1.96
CA LYS B 10 -8.79 9.27 1.72
C LYS B 10 -7.60 10.03 2.31
N PRO B 11 -7.35 11.27 1.86
CA PRO B 11 -6.24 12.09 2.34
C PRO B 11 -5.96 12.12 3.84
N ASP B 12 -6.99 12.20 4.67
CA ASP B 12 -6.79 12.24 6.11
C ASP B 12 -6.19 10.96 6.68
N GLY B 13 -6.43 9.83 6.03
CA GLY B 13 -5.89 8.57 6.49
C GLY B 13 -4.37 8.53 6.40
N LEU B 14 -3.82 9.12 5.35
CA LEU B 14 -2.38 9.17 5.16
C LEU B 14 -1.77 10.17 6.15
N GLU B 15 -2.43 11.30 6.32
CA GLU B 15 -1.95 12.33 7.25
C GLU B 15 -1.92 11.81 8.69
N LYS B 16 -2.85 10.93 9.01
CA LYS B 16 -2.93 10.33 10.35
C LYS B 16 -1.89 9.21 10.51
N GLY B 17 -1.23 8.86 9.42
CA GLY B 17 -0.23 7.82 9.44
C GLY B 17 -0.78 6.45 9.81
N VAL B 18 -1.95 6.12 9.28
CA VAL B 18 -2.56 4.83 9.59
C VAL B 18 -2.83 3.94 8.37
N ILE B 19 -2.05 4.11 7.31
CA ILE B 19 -2.21 3.28 6.11
C ILE B 19 -2.09 1.79 6.49
N GLY B 20 -1.04 1.46 7.23
CA GLY B 20 -0.80 0.09 7.65
C GLY B 20 -1.94 -0.48 8.49
N LYS B 21 -2.39 0.29 9.47
CA LYS B 21 -3.48 -0.13 10.34
C LYS B 21 -4.75 -0.44 9.57
N ILE B 22 -5.07 0.42 8.60
CA ILE B 22 -6.25 0.25 7.77
C ILE B 22 -6.14 -1.01 6.90
N ILE B 23 -4.98 -1.22 6.30
CA ILE B 23 -4.77 -2.40 5.46
C ILE B 23 -4.84 -3.68 6.30
N SER B 24 -4.30 -3.65 7.51
CA SER B 24 -4.35 -4.82 8.38
C SER B 24 -5.80 -5.18 8.73
N ARG B 25 -6.67 -4.17 8.83
CA ARG B 25 -8.08 -4.38 9.14
C ARG B 25 -8.69 -5.32 8.11
N PHE B 26 -8.43 -5.02 6.84
CA PHE B 26 -8.92 -5.82 5.74
C PHE B 26 -8.28 -7.20 5.71
N GLU B 27 -6.95 -7.24 5.77
CA GLU B 27 -6.23 -8.51 5.73
C GLU B 27 -6.69 -9.50 6.79
N GLU B 28 -6.91 -9.01 7.99
CA GLU B 28 -7.35 -9.88 9.09
C GLU B 28 -8.81 -10.29 8.98
N LYS B 29 -9.60 -9.54 8.21
CA LYS B 29 -11.01 -9.86 8.01
C LYS B 29 -11.20 -10.65 6.71
N GLY B 30 -10.09 -11.02 6.08
CA GLY B 30 -10.16 -11.78 4.85
C GLY B 30 -10.27 -11.03 3.53
N LEU B 31 -10.12 -9.71 3.57
CA LEU B 31 -10.19 -8.91 2.34
C LEU B 31 -8.74 -8.69 1.87
N LYS B 32 -8.36 -9.44 0.84
CA LYS B 32 -7.02 -9.40 0.29
C LYS B 32 -6.73 -8.27 -0.69
N PRO B 33 -5.75 -7.40 -0.38
CA PRO B 33 -5.40 -6.29 -1.28
C PRO B 33 -4.69 -6.86 -2.50
N VAL B 34 -5.35 -6.86 -3.66
CA VAL B 34 -4.76 -7.40 -4.88
C VAL B 34 -4.25 -6.32 -5.86
N ALA B 35 -4.42 -5.07 -5.48
CA ALA B 35 -3.97 -3.93 -6.28
C ALA B 35 -3.86 -2.76 -5.30
N ILE B 36 -2.77 -2.01 -5.38
CA ILE B 36 -2.52 -0.87 -4.50
C ILE B 36 -1.72 0.17 -5.26
N ARG B 37 -2.07 1.44 -5.11
CA ARG B 37 -1.33 2.51 -5.76
C ARG B 37 -1.60 3.85 -5.10
N LEU B 38 -0.56 4.48 -4.57
CA LEU B 38 -0.71 5.79 -3.95
C LEU B 38 -0.75 6.76 -5.13
N GLN B 39 -1.69 7.69 -5.11
CA GLN B 39 -1.84 8.63 -6.21
C GLN B 39 -2.46 9.94 -5.74
N HIS B 40 -2.09 11.03 -6.40
CA HIS B 40 -2.67 12.32 -6.06
C HIS B 40 -3.67 12.59 -7.19
N LEU B 41 -4.95 12.54 -6.87
CA LEU B 41 -6.02 12.76 -7.86
C LEU B 41 -6.09 14.20 -8.33
N SER B 42 -6.46 14.37 -9.59
CA SER B 42 -6.63 15.69 -10.18
C SER B 42 -8.11 16.00 -10.03
N GLN B 43 -8.49 17.26 -10.23
CA GLN B 43 -9.89 17.66 -10.11
C GLN B 43 -10.76 16.88 -11.08
N ALA B 44 -10.30 16.76 -12.32
CA ALA B 44 -11.04 16.02 -13.34
C ALA B 44 -11.30 14.57 -12.94
N GLN B 45 -10.31 13.93 -12.32
CA GLN B 45 -10.42 12.55 -11.87
C GLN B 45 -11.41 12.39 -10.72
N ALA B 46 -11.31 13.27 -9.73
CA ALA B 46 -12.20 13.20 -8.56
C ALA B 46 -13.64 13.44 -8.97
N GLU B 47 -13.86 14.41 -9.84
CA GLU B 47 -15.19 14.74 -10.31
C GLU B 47 -15.77 13.56 -11.11
N GLY B 48 -14.98 13.06 -12.04
CA GLY B 48 -15.43 11.93 -12.85
C GLY B 48 -15.73 10.70 -12.02
N PHE B 49 -14.95 10.49 -10.96
CA PHE B 49 -15.14 9.36 -10.07
C PHE B 49 -16.44 9.46 -9.26
N TYR B 50 -16.71 10.64 -8.73
CA TYR B 50 -17.90 10.87 -7.93
C TYR B 50 -19.06 11.45 -8.73
N ALA B 51 -19.11 11.15 -10.03
CA ALA B 51 -20.16 11.65 -10.91
C ALA B 51 -21.57 11.43 -10.38
N VAL B 52 -21.81 10.31 -9.69
CA VAL B 52 -23.15 10.03 -9.16
C VAL B 52 -23.60 11.08 -8.16
N HIS B 53 -22.65 11.80 -7.57
CA HIS B 53 -22.97 12.80 -6.59
C HIS B 53 -22.94 14.23 -7.13
N LYS B 54 -22.83 14.37 -8.45
CA LYS B 54 -22.75 15.68 -9.10
C LYS B 54 -23.86 16.67 -8.76
N ALA B 55 -25.04 16.16 -8.39
CA ALA B 55 -26.17 17.02 -8.05
C ALA B 55 -26.36 17.20 -6.54
N ARG B 56 -25.51 16.56 -5.76
CA ARG B 56 -25.58 16.65 -4.29
C ARG B 56 -24.91 17.93 -3.82
N PRO B 57 -25.41 18.54 -2.74
CA PRO B 57 -24.82 19.78 -2.22
C PRO B 57 -23.40 19.65 -1.67
N PHE B 58 -23.00 18.43 -1.31
CA PHE B 58 -21.66 18.20 -0.78
C PHE B 58 -20.62 17.87 -1.85
N PHE B 59 -21.05 17.74 -3.11
CA PHE B 59 -20.15 17.38 -4.21
C PHE B 59 -18.89 18.24 -4.29
N LYS B 60 -19.07 19.54 -4.41
CA LYS B 60 -17.95 20.47 -4.54
C LYS B 60 -16.92 20.31 -3.44
N ASP B 61 -17.39 20.12 -2.22
CA ASP B 61 -16.49 19.97 -1.08
C ASP B 61 -15.78 18.62 -1.10
N LEU B 62 -16.53 17.57 -1.41
CA LEU B 62 -15.99 16.22 -1.48
C LEU B 62 -14.84 16.20 -2.47
N VAL B 63 -15.04 16.83 -3.62
CA VAL B 63 -14.01 16.90 -4.66
C VAL B 63 -12.76 17.63 -4.18
N GLN B 64 -12.94 18.76 -3.51
CA GLN B 64 -11.82 19.53 -3.01
C GLN B 64 -11.01 18.76 -1.99
N PHE B 65 -11.71 18.03 -1.12
CA PHE B 65 -11.06 17.22 -0.10
C PHE B 65 -10.26 16.11 -0.76
N MET B 66 -10.90 15.41 -1.70
CA MET B 66 -10.27 14.31 -2.41
C MET B 66 -9.01 14.67 -3.20
N ILE B 67 -8.84 15.95 -3.50
CA ILE B 67 -7.64 16.35 -4.25
C ILE B 67 -6.71 17.19 -3.36
N SER B 68 -7.04 17.33 -2.09
CA SER B 68 -6.24 18.11 -1.16
C SER B 68 -4.88 17.45 -0.92
N GLY B 69 -4.84 16.14 -0.99
CA GLY B 69 -3.60 15.43 -0.78
C GLY B 69 -3.64 14.10 -1.48
N PRO B 70 -2.58 13.29 -1.39
CA PRO B 70 -2.66 11.99 -2.07
C PRO B 70 -3.55 11.00 -1.34
N VAL B 71 -3.93 9.94 -2.05
CA VAL B 71 -4.77 8.88 -1.51
C VAL B 71 -4.12 7.56 -1.87
N VAL B 72 -4.62 6.48 -1.29
CA VAL B 72 -4.12 5.15 -1.61
C VAL B 72 -5.30 4.41 -2.21
N LEU B 73 -5.18 4.05 -3.48
CA LEU B 73 -6.21 3.31 -4.20
C LEU B 73 -5.94 1.83 -4.01
N MET B 74 -6.98 1.05 -3.77
CA MET B 74 -6.82 -0.39 -3.57
C MET B 74 -8.01 -1.18 -4.08
N VAL B 75 -7.76 -2.43 -4.47
CA VAL B 75 -8.82 -3.33 -4.91
C VAL B 75 -8.72 -4.46 -3.91
N LEU B 76 -9.82 -4.72 -3.20
CA LEU B 76 -9.86 -5.77 -2.20
C LEU B 76 -10.60 -6.97 -2.80
N GLU B 77 -10.08 -8.15 -2.55
CA GLU B 77 -10.67 -9.38 -3.07
C GLU B 77 -10.99 -10.29 -1.91
N GLY B 78 -12.22 -10.81 -1.89
CA GLY B 78 -12.61 -11.71 -0.81
C GLY B 78 -14.08 -12.06 -0.82
N GLU B 79 -14.48 -12.89 0.13
CA GLU B 79 -15.87 -13.33 0.25
C GLU B 79 -16.79 -12.17 0.58
N ASN B 80 -17.78 -11.94 -0.29
CA ASN B 80 -18.77 -10.87 -0.11
C ASN B 80 -18.06 -9.53 0.10
N ALA B 81 -16.94 -9.36 -0.59
CA ALA B 81 -16.10 -8.16 -0.49
C ALA B 81 -16.77 -6.80 -0.46
N VAL B 82 -17.72 -6.56 -1.36
CA VAL B 82 -18.41 -5.28 -1.42
C VAL B 82 -19.08 -4.92 -0.08
N LEU B 83 -19.89 -5.84 0.44
CA LEU B 83 -20.57 -5.62 1.72
C LEU B 83 -19.58 -5.65 2.88
N ALA B 84 -18.69 -6.64 2.87
CA ALA B 84 -17.69 -6.79 3.93
C ALA B 84 -16.88 -5.51 4.13
N ASN B 85 -16.40 -4.95 3.03
CA ASN B 85 -15.63 -3.71 3.02
C ASN B 85 -16.39 -2.58 3.73
N ARG B 86 -17.64 -2.39 3.32
CA ARG B 86 -18.47 -1.34 3.89
C ARG B 86 -18.74 -1.54 5.38
N ASP B 87 -18.95 -2.78 5.80
CA ASP B 87 -19.20 -3.06 7.22
C ASP B 87 -17.99 -2.63 8.03
N ILE B 88 -16.81 -2.98 7.53
CA ILE B 88 -15.55 -2.65 8.17
C ILE B 88 -15.30 -1.13 8.20
N MET B 89 -15.68 -0.46 7.12
CA MET B 89 -15.51 0.99 7.03
C MET B 89 -16.33 1.68 8.12
N GLY B 90 -17.59 1.30 8.25
CA GLY B 90 -18.44 1.91 9.25
C GLY B 90 -19.34 2.97 8.62
N ALA B 91 -20.25 3.52 9.41
CA ALA B 91 -21.17 4.54 8.93
C ALA B 91 -20.48 5.78 8.37
N THR B 92 -21.14 6.41 7.40
CA THR B 92 -20.65 7.63 6.76
C THR B 92 -20.34 8.69 7.80
N ASN B 93 -21.29 8.88 8.72
CA ASN B 93 -21.14 9.84 9.80
C ASN B 93 -20.42 9.09 10.92
N PRO B 94 -19.20 9.53 11.27
CA PRO B 94 -18.40 8.91 12.32
C PRO B 94 -19.15 8.77 13.64
N ALA B 95 -20.05 9.71 13.90
CA ALA B 95 -20.86 9.69 15.12
C ALA B 95 -21.68 8.42 15.23
N GLN B 96 -22.27 7.99 14.12
CA GLN B 96 -23.09 6.79 14.08
C GLN B 96 -22.29 5.51 13.77
N ALA B 97 -20.99 5.64 13.58
CA ALA B 97 -20.16 4.48 13.24
C ALA B 97 -20.03 3.49 14.39
N ALA B 98 -20.15 2.20 14.06
CA ALA B 98 -20.07 1.13 15.04
C ALA B 98 -18.68 0.98 15.66
N GLU B 99 -18.62 0.24 16.77
CA GLU B 99 -17.38 -0.02 17.47
C GLU B 99 -16.46 -0.88 16.64
N GLY B 100 -15.18 -0.53 16.64
CA GLY B 100 -14.20 -1.30 15.89
C GLY B 100 -14.12 -1.02 14.40
N THR B 101 -14.97 -0.17 13.87
CA THR B 101 -14.93 0.14 12.46
C THR B 101 -13.84 1.18 12.18
N ILE B 102 -13.38 1.24 10.93
CA ILE B 102 -12.34 2.19 10.55
C ILE B 102 -12.75 3.64 10.82
N ARG B 103 -13.97 3.99 10.43
CA ARG B 103 -14.43 5.36 10.63
C ARG B 103 -14.60 5.78 12.08
N LYS B 104 -15.09 4.89 12.93
CA LYS B 104 -15.25 5.24 14.34
C LYS B 104 -13.87 5.43 14.95
N ASP B 105 -12.93 4.58 14.57
CA ASP B 105 -11.58 4.64 15.08
C ASP B 105 -10.69 5.74 14.51
N PHE B 106 -10.86 6.07 13.24
CA PHE B 106 -10.00 7.07 12.61
C PHE B 106 -10.63 8.32 12.00
N ALA B 107 -11.89 8.24 11.57
CA ALA B 107 -12.55 9.38 10.94
C ALA B 107 -12.84 10.52 11.90
N THR B 108 -12.76 11.74 11.39
CA THR B 108 -13.00 12.93 12.20
C THR B 108 -14.38 13.56 12.01
N SER B 109 -14.87 13.57 10.78
CA SER B 109 -16.18 14.14 10.45
C SER B 109 -16.75 13.42 9.25
N ILE B 110 -17.98 13.74 8.87
CA ILE B 110 -18.62 13.11 7.72
C ILE B 110 -17.92 13.46 6.41
N ASP B 111 -17.46 14.71 6.31
CA ASP B 111 -16.77 15.19 5.12
C ASP B 111 -15.25 14.99 5.21
N LYS B 112 -14.85 13.93 5.90
CA LYS B 112 -13.44 13.62 6.11
C LYS B 112 -13.48 12.29 6.86
N ASN B 113 -14.12 11.32 6.24
CA ASN B 113 -14.29 10.01 6.85
C ASN B 113 -13.30 8.91 6.50
N THR B 114 -12.08 9.31 6.18
CA THR B 114 -10.98 8.38 5.96
C THR B 114 -10.97 7.33 4.86
N VAL B 115 -12.11 6.71 4.57
CA VAL B 115 -12.15 5.66 3.55
C VAL B 115 -13.34 5.72 2.61
N HIS B 116 -13.16 5.08 1.46
CA HIS B 116 -14.20 4.97 0.47
C HIS B 116 -14.35 3.49 0.18
N GLY B 117 -15.55 3.08 -0.19
CA GLY B 117 -15.80 1.69 -0.55
C GLY B 117 -16.88 1.70 -1.62
N SER B 118 -16.75 0.86 -2.64
CA SER B 118 -17.77 0.78 -3.70
C SER B 118 -19.08 0.39 -3.01
N ASP B 119 -20.20 0.95 -3.44
CA ASP B 119 -21.47 0.62 -2.80
C ASP B 119 -22.23 -0.58 -3.36
N SER B 120 -21.79 -1.10 -4.50
CA SER B 120 -22.44 -2.25 -5.11
C SER B 120 -21.47 -2.92 -6.06
N LEU B 121 -21.80 -4.15 -6.46
CA LEU B 121 -20.97 -4.92 -7.39
C LEU B 121 -20.90 -4.23 -8.76
N GLU B 122 -22.05 -3.77 -9.26
CA GLU B 122 -22.10 -3.08 -10.55
C GLU B 122 -21.15 -1.89 -10.54
N ASN B 123 -21.20 -1.13 -9.44
CA ASN B 123 -20.36 0.05 -9.31
C ASN B 123 -18.92 -0.29 -9.02
N ALA B 124 -18.69 -1.45 -8.40
CA ALA B 124 -17.33 -1.88 -8.10
C ALA B 124 -16.58 -2.08 -9.42
N LYS B 125 -17.23 -2.72 -10.39
CA LYS B 125 -16.61 -2.95 -11.70
C LYS B 125 -16.20 -1.64 -12.33
N ILE B 126 -17.08 -0.66 -12.27
CA ILE B 126 -16.84 0.66 -12.83
C ILE B 126 -15.68 1.36 -12.13
N GLU B 127 -15.74 1.43 -10.81
CA GLU B 127 -14.72 2.09 -10.01
C GLU B 127 -13.34 1.50 -10.17
N ILE B 128 -13.26 0.17 -10.20
CA ILE B 128 -11.99 -0.52 -10.37
C ILE B 128 -11.39 -0.22 -11.74
N ALA B 129 -12.20 -0.33 -12.79
CA ALA B 129 -11.76 -0.06 -14.16
C ALA B 129 -11.39 1.42 -14.34
N TYR B 130 -11.90 2.27 -13.46
CA TYR B 130 -11.60 3.68 -13.53
C TYR B 130 -10.16 3.96 -13.13
N PHE B 131 -9.67 3.22 -12.13
CA PHE B 131 -8.32 3.43 -11.58
C PHE B 131 -7.27 2.33 -11.83
N PHE B 132 -7.70 1.18 -12.33
CA PHE B 132 -6.75 0.09 -12.53
C PHE B 132 -6.96 -0.66 -13.84
N ARG B 133 -5.85 -1.07 -14.47
CA ARG B 133 -5.88 -1.86 -15.69
C ARG B 133 -6.00 -3.26 -15.10
N GLU B 134 -6.57 -4.20 -15.85
CA GLU B 134 -6.66 -5.57 -15.35
C GLU B 134 -5.26 -6.11 -15.02
N THR B 135 -4.27 -5.64 -15.78
CA THR B 135 -2.87 -6.06 -15.60
C THR B 135 -2.19 -5.49 -14.35
N GLU B 136 -2.92 -4.65 -13.60
CA GLU B 136 -2.38 -4.06 -12.38
C GLU B 136 -2.95 -4.76 -11.16
N ILE B 137 -3.86 -5.69 -11.38
CA ILE B 137 -4.51 -6.43 -10.31
C ILE B 137 -3.94 -7.84 -10.29
N HIS B 138 -3.45 -8.27 -9.14
CA HIS B 138 -2.83 -9.58 -9.02
C HIS B 138 -3.23 -10.35 -7.77
N SER B 139 -3.99 -11.42 -7.96
CA SER B 139 -4.40 -12.24 -6.84
C SER B 139 -3.22 -13.14 -6.49
N TYR B 140 -3.18 -13.63 -5.25
CA TYR B 140 -2.10 -14.48 -4.80
C TYR B 140 -2.60 -15.34 -3.65
N PRO B 141 -2.03 -16.54 -3.48
CA PRO B 141 -2.45 -17.43 -2.39
C PRO B 141 -1.96 -16.98 -1.01
N TYR B 142 -2.79 -17.22 0.01
CA TYR B 142 -2.44 -16.87 1.37
C TYR B 142 -1.75 -18.02 2.09
N GLN B 143 -1.21 -17.72 3.27
CA GLN B 143 -0.51 -18.66 4.15
C GLN B 143 -0.45 -20.11 3.68
#